data_6BRB
#
_entry.id   6BRB
#
_cell.length_a   93.528
_cell.length_b   93.528
_cell.length_c   66.685
_cell.angle_alpha   90.00
_cell.angle_beta   90.00
_cell.angle_gamma   120.00
#
_symmetry.space_group_name_H-M   'P 3 2 1'
#
loop_
_entity.id
_entity.type
_entity.pdbx_description
1 polymer 'CD40 ligand'
2 polymer Tn3-like
3 branched beta-D-mannopyranose-(1-4)-2-acetamido-2-deoxy-beta-D-glucopyranose-(1-4)-2-acetamido-2-deoxy-beta-D-glucopyranose
4 water water
#
loop_
_entity_poly.entity_id
_entity_poly.type
_entity_poly.pdbx_seq_one_letter_code
_entity_poly.pdbx_strand_id
1 'polypeptide(L)'
;PQIAAHVISEASSKTTSVLQWAEKGYYTMSNNLVTLENGKQLTVKRQGLYYIYAQVTFCSNREASSQAPFIASLCLKSPG
RFERILLRAANTHSSAKPCGQQSIHLGGVFELQPGASVFVNVTDPSQVSHGTGFTSFGLLKL
;
A
2 'polypeptide(L)'
;AIEVKDVTDTTALITWSDDFGEYVWCELTYGIKDVPGDRTTIDLWYHHAHYSIGNLKPDTEYEVSLICRRGDMSSNPAKE
TFTTGLV
;
D
#
loop_
_chem_comp.id
_chem_comp.type
_chem_comp.name
_chem_comp.formula
BMA D-saccharide, beta linking beta-D-mannopyranose 'C6 H12 O6'
NAG D-saccharide, beta linking 2-acetamido-2-deoxy-beta-D-glucopyranose 'C8 H15 N O6'
#
# COMPACT_ATOMS: atom_id res chain seq x y z
N PRO A 1 10.77 -1.51 -30.49
CA PRO A 1 9.68 -0.67 -29.97
C PRO A 1 9.93 -0.16 -28.54
N GLN A 2 9.24 0.94 -28.19
CA GLN A 2 9.39 1.58 -26.88
C GLN A 2 8.64 0.78 -25.81
N ILE A 3 9.37 0.24 -24.85
CA ILE A 3 8.83 -0.72 -23.89
C ILE A 3 9.14 -0.22 -22.48
N ALA A 4 8.17 0.45 -21.86
CA ALA A 4 8.31 0.97 -20.50
C ALA A 4 7.00 0.88 -19.73
N ALA A 5 7.11 0.94 -18.40
CA ALA A 5 5.95 0.92 -17.52
C ALA A 5 6.17 1.70 -16.22
N HIS A 6 5.05 2.05 -15.60
CA HIS A 6 5.00 2.77 -14.32
C HIS A 6 3.59 2.59 -13.77
N VAL A 7 3.46 1.92 -12.61
CA VAL A 7 2.17 1.59 -12.02
C VAL A 7 2.09 2.11 -10.59
N ILE A 8 0.95 2.70 -10.21
CA ILE A 8 0.78 3.24 -8.85
C ILE A 8 0.36 2.15 -7.87
N SER A 9 0.52 2.44 -6.58
CA SER A 9 0.21 1.50 -5.52
C SER A 9 -1.28 1.46 -5.22
N GLU A 10 -1.69 0.37 -4.56
CA GLU A 10 -3.09 0.11 -4.24
C GLU A 10 -3.18 -0.81 -3.01
N ALA A 11 -3.82 -0.35 -1.94
CA ALA A 11 -3.91 -1.13 -0.71
C ALA A 11 -4.75 -2.38 -0.90
N SER A 12 -4.55 -3.40 -0.08
CA SER A 12 -5.38 -4.62 -0.11
C SER A 12 -5.33 -5.42 1.18
N SER A 13 -6.26 -6.38 1.29
CA SER A 13 -6.44 -7.22 2.48
C SER A 13 -5.62 -8.53 2.42
N LYS A 14 -4.38 -8.45 1.96
CA LYS A 14 -3.62 -9.65 1.58
C LYS A 14 -2.82 -10.32 2.70
N THR A 15 -2.24 -9.54 3.63
CA THR A 15 -1.27 -10.02 4.66
C THR A 15 0.11 -10.43 4.08
N THR A 16 0.07 -11.21 3.00
CA THR A 16 1.25 -11.58 2.21
C THR A 16 2.10 -10.37 1.80
N SER A 17 3.40 -10.58 1.72
CA SER A 17 4.38 -9.50 1.62
C SER A 17 4.48 -8.79 0.26
N VAL A 18 3.84 -9.33 -0.77
CA VAL A 18 4.00 -8.80 -2.15
C VAL A 18 3.06 -7.61 -2.36
N LEU A 19 3.63 -6.47 -2.74
CA LEU A 19 2.85 -5.23 -2.93
C LEU A 19 1.96 -5.28 -4.18
N GLN A 20 0.78 -4.67 -4.06
CA GLN A 20 -0.21 -4.62 -5.14
C GLN A 20 -0.14 -3.29 -5.87
N TRP A 21 -0.40 -3.31 -7.17
CA TRP A 21 -0.31 -2.14 -8.03
C TRP A 21 -1.50 -2.09 -9.00
N ALA A 22 -1.65 -0.94 -9.66
CA ALA A 22 -2.78 -0.70 -10.56
C ALA A 22 -2.44 0.25 -11.70
N GLU A 23 -3.11 0.06 -12.82
CA GLU A 23 -3.01 0.94 -13.97
C GLU A 23 -4.02 2.06 -13.75
N LYS A 24 -3.64 2.98 -12.86
CA LYS A 24 -4.51 4.08 -12.45
C LYS A 24 -3.68 5.34 -12.21
N GLY A 25 -4.36 6.48 -12.22
CA GLY A 25 -3.71 7.77 -12.14
C GLY A 25 -2.74 7.91 -13.31
N TYR A 26 -1.50 8.29 -13.01
CA TYR A 26 -0.52 8.60 -14.05
C TYR A 26 0.34 7.39 -14.31
N TYR A 27 -0.33 6.30 -14.65
CA TYR A 27 0.30 5.04 -14.96
C TYR A 27 0.80 5.08 -16.39
N THR A 28 1.61 4.10 -16.75
CA THR A 28 2.11 3.94 -18.11
C THR A 28 2.25 2.45 -18.43
N MET A 29 1.65 2.04 -19.54
CA MET A 29 1.93 0.77 -20.19
C MET A 29 2.02 1.07 -21.67
N SER A 30 3.24 0.99 -22.21
CA SER A 30 3.52 1.48 -23.56
C SER A 30 2.87 0.59 -24.63
N ASN A 31 3.13 -0.71 -24.53
CA ASN A 31 2.48 -1.69 -25.40
C ASN A 31 2.44 -3.06 -24.72
N ASN A 32 1.78 -4.02 -25.37
CA ASN A 32 1.52 -5.33 -24.77
C ASN A 32 2.76 -6.18 -24.44
N LEU A 33 3.95 -5.77 -24.90
CA LEU A 33 5.21 -6.44 -24.52
C LEU A 33 5.68 -6.16 -23.07
N VAL A 34 5.01 -5.25 -22.37
CA VAL A 34 5.06 -5.20 -20.89
C VAL A 34 3.63 -5.25 -20.41
N THR A 35 3.40 -6.04 -19.36
CA THR A 35 2.06 -6.33 -18.83
C THR A 35 2.15 -6.28 -17.31
N LEU A 36 1.07 -5.87 -16.63
CA LEU A 36 0.95 -6.00 -15.17
C LEU A 36 0.02 -7.19 -14.89
N GLU A 37 0.59 -8.25 -14.31
CA GLU A 37 -0.15 -9.49 -14.06
C GLU A 37 -0.64 -9.56 -12.61
N ASN A 38 -1.93 -9.87 -12.44
CA ASN A 38 -2.57 -10.04 -11.13
C ASN A 38 -2.31 -8.92 -10.11
N GLY A 39 -2.07 -7.70 -10.61
CA GLY A 39 -1.72 -6.58 -9.76
C GLY A 39 -0.43 -6.67 -8.94
N LYS A 40 0.41 -7.68 -9.16
CA LYS A 40 1.57 -7.93 -8.31
C LYS A 40 2.94 -7.92 -9.02
N GLN A 41 2.97 -7.97 -10.35
CA GLN A 41 4.24 -8.12 -11.09
C GLN A 41 4.22 -7.53 -12.49
N LEU A 42 5.34 -6.94 -12.91
CA LEU A 42 5.50 -6.44 -14.28
C LEU A 42 6.25 -7.49 -15.10
N THR A 43 5.52 -8.16 -15.99
CA THR A 43 6.06 -9.24 -16.81
C THR A 43 6.41 -8.73 -18.20
N VAL A 44 7.61 -9.09 -18.68
CA VAL A 44 8.10 -8.68 -20.00
C VAL A 44 8.04 -9.83 -21.02
N LYS A 45 8.00 -9.49 -22.30
CA LYS A 45 7.98 -10.49 -23.39
C LYS A 45 9.21 -10.48 -24.32
N ARG A 46 10.10 -9.49 -24.20
CA ARG A 46 11.32 -9.45 -25.00
C ARG A 46 12.59 -9.44 -24.12
N GLN A 47 13.58 -10.21 -24.57
CA GLN A 47 14.87 -10.33 -23.88
C GLN A 47 15.66 -9.03 -24.00
N GLY A 48 16.34 -8.64 -22.93
CA GLY A 48 17.25 -7.50 -22.98
C GLY A 48 17.42 -6.80 -21.64
N LEU A 49 18.09 -5.63 -21.70
CA LEU A 49 18.43 -4.85 -20.52
C LEU A 49 17.33 -3.83 -20.19
N TYR A 50 16.94 -3.77 -18.92
CA TYR A 50 15.91 -2.83 -18.43
C TYR A 50 16.46 -2.09 -17.22
N TYR A 51 16.07 -0.83 -17.05
CA TYR A 51 16.23 -0.13 -15.77
C TYR A 51 14.93 -0.30 -14.98
N ILE A 52 14.94 -1.16 -13.96
CA ILE A 52 13.77 -1.36 -13.10
C ILE A 52 13.94 -0.48 -11.86
N TYR A 53 12.86 0.17 -11.42
CA TYR A 53 12.87 1.00 -10.22
C TYR A 53 11.60 0.78 -9.40
N ALA A 54 11.67 1.11 -8.11
CA ALA A 54 10.48 1.18 -7.27
C ALA A 54 10.71 2.11 -6.11
N GLN A 55 9.63 2.74 -5.65
CA GLN A 55 9.65 3.65 -4.51
C GLN A 55 8.58 3.26 -3.48
N VAL A 56 9.03 2.80 -2.31
CA VAL A 56 8.14 2.53 -1.18
C VAL A 56 8.26 3.69 -0.21
N THR A 57 7.12 4.27 0.17
CA THR A 57 7.02 5.20 1.30
C THR A 57 6.22 4.49 2.37
N PHE A 58 6.66 4.63 3.63
CA PHE A 58 5.99 3.95 4.74
C PHE A 58 6.04 4.76 6.01
N CYS A 59 5.07 4.51 6.89
CA CYS A 59 4.99 5.11 8.22
C CYS A 59 5.11 3.99 9.23
N SER A 60 6.08 4.10 10.15
CA SER A 60 6.36 3.06 11.13
C SER A 60 6.73 3.63 12.49
N ASN A 61 6.65 2.78 13.52
CA ASN A 61 7.08 3.12 14.89
C ASN A 61 7.97 2.04 15.52
N ARG A 62 8.98 2.49 16.27
CA ARG A 62 9.98 1.59 16.89
C ARG A 62 9.41 0.72 18.03
N GLU A 63 8.51 1.29 18.80
CA GLU A 63 7.91 0.61 19.96
C GLU A 63 6.84 -0.38 19.51
N ALA A 64 6.01 0.02 18.54
CA ALA A 64 4.92 -0.82 18.05
C ALA A 64 5.43 -2.05 17.30
N SER A 65 6.41 -1.85 16.43
CA SER A 65 7.01 -2.94 15.63
C SER A 65 8.15 -3.67 16.36
N SER A 66 8.50 -4.85 15.87
CA SER A 66 9.58 -5.67 16.46
C SER A 66 10.96 -5.09 16.14
N GLN A 67 11.95 -5.46 16.95
CA GLN A 67 13.35 -4.99 16.78
C GLN A 67 13.96 -5.54 15.48
N ALA A 68 13.58 -4.90 14.38
CA ALA A 68 13.97 -5.33 13.03
C ALA A 68 13.60 -4.23 12.03
N PRO A 69 14.47 -3.96 11.05
CA PRO A 69 14.22 -2.87 10.12
C PRO A 69 13.13 -3.15 9.09
N PHE A 70 12.71 -2.09 8.39
CA PHE A 70 11.85 -2.20 7.22
C PHE A 70 12.72 -2.51 6.01
N ILE A 71 12.54 -3.71 5.44
CA ILE A 71 13.24 -4.11 4.22
C ILE A 71 12.25 -4.17 3.06
N ALA A 72 12.57 -3.46 1.98
CA ALA A 72 11.89 -3.58 0.70
C ALA A 72 12.88 -4.21 -0.26
N SER A 73 12.43 -5.24 -1.00
CA SER A 73 13.24 -5.97 -1.97
C SER A 73 12.55 -5.96 -3.34
N LEU A 74 13.34 -5.76 -4.39
CA LEU A 74 12.88 -5.88 -5.78
C LEU A 74 13.34 -7.24 -6.31
N CYS A 75 12.38 -8.12 -6.57
CA CYS A 75 12.66 -9.53 -6.91
C CYS A 75 12.39 -9.86 -8.35
N LEU A 76 12.99 -10.97 -8.81
CA LEU A 76 12.87 -11.45 -10.18
C LEU A 76 12.49 -12.92 -10.23
N LYS A 77 11.35 -13.22 -10.85
CA LYS A 77 10.99 -14.58 -11.26
C LYS A 77 11.21 -14.75 -12.78
N SER A 78 12.27 -15.47 -13.15
CA SER A 78 12.49 -15.86 -14.56
C SER A 78 11.85 -17.24 -14.81
N PRO A 79 11.36 -17.49 -16.04
CA PRO A 79 10.73 -18.80 -16.29
C PRO A 79 11.74 -19.97 -16.29
N GLY A 80 11.41 -21.04 -15.56
CA GLY A 80 12.29 -22.19 -15.42
C GLY A 80 13.51 -21.96 -14.51
N ARG A 81 13.43 -20.95 -13.65
CA ARG A 81 14.49 -20.68 -12.64
C ARG A 81 13.87 -20.22 -11.33
N PHE A 82 14.68 -20.35 -10.27
CA PHE A 82 14.25 -20.04 -8.91
C PHE A 82 14.02 -18.53 -8.77
N GLU A 83 13.44 -18.10 -7.65
CA GLU A 83 13.32 -16.68 -7.34
C GLU A 83 14.69 -16.09 -7.04
N ARG A 84 14.81 -14.80 -7.33
CA ARG A 84 16.07 -14.07 -7.20
C ARG A 84 15.77 -12.69 -6.64
N ILE A 85 16.70 -12.18 -5.84
CA ILE A 85 16.67 -10.79 -5.37
C ILE A 85 17.65 -9.99 -6.20
N LEU A 86 17.23 -8.79 -6.60
CA LEU A 86 18.04 -7.91 -7.43
C LEU A 86 18.54 -6.74 -6.60
N LEU A 87 17.61 -6.00 -5.99
CA LEU A 87 17.92 -4.85 -5.14
C LEU A 87 17.19 -4.98 -3.82
N ARG A 88 17.82 -4.44 -2.77
CA ARG A 88 17.20 -4.32 -1.45
C ARG A 88 17.57 -3.01 -0.77
N ALA A 89 16.66 -2.56 0.09
CA ALA A 89 16.91 -1.39 0.95
C ALA A 89 16.31 -1.62 2.35
N ALA A 90 17.02 -1.17 3.39
CA ALA A 90 16.63 -1.37 4.79
C ALA A 90 16.58 -0.04 5.51
N ASN A 91 15.57 0.15 6.37
CA ASN A 91 15.42 1.37 7.16
C ASN A 91 14.94 1.02 8.56
N THR A 92 15.61 1.54 9.58
CA THR A 92 15.13 1.41 10.96
C THR A 92 13.78 2.10 11.12
N HIS A 93 12.98 1.60 12.05
CA HIS A 93 11.70 2.23 12.36
C HIS A 93 11.97 3.50 13.15
N SER A 94 11.17 4.52 12.91
CA SER A 94 11.33 5.83 13.57
C SER A 94 10.83 5.82 15.01
N SER A 95 11.34 6.77 15.79
CA SER A 95 10.91 6.99 17.18
C SER A 95 9.75 7.99 17.29
N ALA A 96 9.18 8.41 16.16
CA ALA A 96 8.16 9.45 16.13
C ALA A 96 6.78 8.93 16.54
N LYS A 97 5.98 9.82 17.14
CA LYS A 97 4.63 9.52 17.62
C LYS A 97 3.67 9.38 16.43
N PRO A 98 2.48 8.79 16.64
CA PRO A 98 1.86 7.73 15.85
C PRO A 98 2.85 6.92 15.01
N CYS A 99 3.47 7.57 14.03
CA CYS A 99 4.46 6.93 13.19
C CYS A 99 5.40 7.97 12.59
N GLY A 100 6.49 7.48 12.01
CA GLY A 100 7.48 8.32 11.33
C GLY A 100 7.59 7.92 9.87
N GLN A 101 7.43 8.91 8.99
CA GLN A 101 7.34 8.71 7.55
C GLN A 101 8.75 8.64 6.99
N GLN A 102 9.01 7.70 6.08
CA GLN A 102 10.23 7.72 5.27
C GLN A 102 10.05 6.98 3.96
N SER A 103 10.86 7.36 2.97
CA SER A 103 10.78 6.79 1.63
C SER A 103 12.05 6.02 1.31
N ILE A 104 11.87 4.91 0.59
CA ILE A 104 12.97 4.13 0.01
C ILE A 104 12.88 4.34 -1.50
N HIS A 105 14.02 4.24 -2.18
CA HIS A 105 14.04 4.20 -3.66
C HIS A 105 15.08 3.19 -4.12
N LEU A 106 14.63 2.19 -4.88
CA LEU A 106 15.47 1.17 -5.47
C LEU A 106 15.48 1.43 -6.97
N GLY A 107 16.64 1.28 -7.59
CA GLY A 107 16.73 1.39 -9.04
C GLY A 107 17.96 0.72 -9.56
N GLY A 108 17.84 -0.06 -10.63
CA GLY A 108 19.03 -0.69 -11.25
C GLY A 108 18.82 -1.29 -12.63
N VAL A 109 19.95 -1.55 -13.30
CA VAL A 109 19.99 -2.17 -14.62
C VAL A 109 20.18 -3.69 -14.52
N PHE A 110 19.17 -4.44 -14.99
CA PHE A 110 19.22 -5.90 -14.97
C PHE A 110 18.84 -6.50 -16.32
N GLU A 111 19.27 -7.75 -16.55
CA GLU A 111 18.90 -8.47 -17.77
C GLU A 111 17.70 -9.38 -17.52
N LEU A 112 16.57 -8.99 -18.12
CA LEU A 112 15.36 -9.82 -18.14
C LEU A 112 15.32 -10.68 -19.39
N GLN A 113 14.97 -11.96 -19.21
CA GLN A 113 14.66 -12.86 -20.32
C GLN A 113 13.16 -12.78 -20.69
N PRO A 114 12.74 -13.43 -21.79
CA PRO A 114 11.32 -13.38 -22.17
C PRO A 114 10.44 -14.16 -21.19
N GLY A 115 9.34 -13.54 -20.77
CA GLY A 115 8.44 -14.11 -19.76
C GLY A 115 8.86 -13.88 -18.30
N ALA A 116 9.90 -13.05 -18.10
CA ALA A 116 10.42 -12.78 -16.77
C ALA A 116 9.53 -11.75 -16.08
N SER A 117 9.31 -11.94 -14.78
CA SER A 117 8.45 -11.08 -13.99
C SER A 117 9.23 -10.50 -12.84
N VAL A 118 9.02 -9.22 -12.58
CA VAL A 118 9.67 -8.52 -11.47
C VAL A 118 8.60 -8.05 -10.50
N PHE A 119 8.93 -8.04 -9.21
CA PHE A 119 8.00 -7.57 -8.20
C PHE A 119 8.71 -7.03 -6.97
N VAL A 120 7.97 -6.23 -6.21
CA VAL A 120 8.47 -5.53 -5.04
C VAL A 120 7.72 -6.10 -3.85
N ASN A 121 8.46 -6.48 -2.80
CA ASN A 121 7.84 -6.95 -1.55
C ASN A 121 8.50 -6.29 -0.35
N VAL A 122 7.81 -6.37 0.79
CA VAL A 122 8.21 -5.67 2.02
C VAL A 122 7.97 -6.52 3.26
N THR A 123 8.67 -6.16 4.33
CA THR A 123 8.59 -6.85 5.60
C THR A 123 7.22 -6.75 6.25
N ASP A 124 6.68 -5.54 6.28
CA ASP A 124 5.36 -5.29 6.87
C ASP A 124 4.55 -4.43 5.88
N PRO A 125 3.63 -5.07 5.14
CA PRO A 125 2.85 -4.30 4.17
C PRO A 125 1.87 -3.30 4.80
N SER A 126 1.41 -3.56 6.03
CA SER A 126 0.47 -2.65 6.69
C SER A 126 1.05 -1.24 6.92
N GLN A 127 2.37 -1.14 6.91
CA GLN A 127 3.07 0.12 7.13
C GLN A 127 3.28 0.95 5.87
N VAL A 128 2.94 0.40 4.71
CA VAL A 128 3.19 1.08 3.45
C VAL A 128 2.11 2.13 3.22
N SER A 129 2.54 3.36 2.92
CA SER A 129 1.64 4.47 2.64
C SER A 129 1.29 4.37 1.19
N HIS A 130 0.05 4.77 0.86
CA HIS A 130 -0.55 4.60 -0.48
C HIS A 130 -1.20 5.88 -1.01
N GLY A 131 -0.81 7.03 -0.49
CA GLY A 131 -1.32 8.31 -0.99
C GLY A 131 -0.82 8.61 -2.39
N THR A 132 -1.49 9.54 -3.08
CA THR A 132 -1.13 9.86 -4.45
C THR A 132 0.35 10.26 -4.48
N GLY A 133 1.11 9.52 -5.31
CA GLY A 133 2.52 9.80 -5.56
C GLY A 133 3.49 8.99 -4.73
N PHE A 134 3.09 8.61 -3.51
CA PHE A 134 4.06 8.13 -2.52
C PHE A 134 4.69 6.76 -2.76
N THR A 135 3.94 5.87 -3.41
CA THR A 135 4.41 4.50 -3.61
C THR A 135 4.07 4.03 -5.03
N SER A 136 5.11 3.69 -5.79
CA SER A 136 5.00 3.41 -7.22
C SER A 136 6.09 2.44 -7.65
N PHE A 137 5.98 1.94 -8.87
CA PHE A 137 6.81 0.83 -9.35
C PHE A 137 6.77 0.83 -10.87
N GLY A 138 7.93 0.67 -11.49
CA GLY A 138 8.04 0.79 -12.94
C GLY A 138 9.29 0.17 -13.53
N LEU A 139 9.55 0.49 -14.79
CA LEU A 139 10.47 -0.26 -15.62
C LEU A 139 10.63 0.47 -16.93
N LEU A 140 11.79 0.34 -17.58
CA LEU A 140 11.98 0.90 -18.92
C LEU A 140 13.10 0.16 -19.65
N LYS A 141 12.86 -0.20 -20.91
CA LYS A 141 13.81 -1.00 -21.68
C LYS A 141 14.84 -0.14 -22.39
N LEU A 142 16.11 -0.54 -22.31
CA LEU A 142 17.20 0.18 -22.96
C LEU A 142 17.25 -0.15 -24.45
N ALA B 1 -13.34 10.93 -0.85
CA ALA B 1 -13.57 9.46 -0.91
C ALA B 1 -13.22 8.82 0.43
N ILE B 2 -13.96 7.77 0.76
CA ILE B 2 -13.77 7.00 2.00
C ILE B 2 -14.54 5.68 1.82
N GLU B 3 -13.87 4.71 1.21
CA GLU B 3 -14.47 3.45 0.81
C GLU B 3 -14.20 2.38 1.83
N VAL B 4 -15.07 1.37 1.86
CA VAL B 4 -14.99 0.23 2.76
C VAL B 4 -15.04 -1.04 1.91
N LYS B 5 -13.88 -1.68 1.72
CA LYS B 5 -13.81 -2.91 0.92
C LYS B 5 -13.54 -4.13 1.77
N ASP B 6 -13.74 -5.30 1.16
CA ASP B 6 -13.37 -6.61 1.72
C ASP B 6 -13.94 -6.89 3.12
N VAL B 7 -15.20 -6.52 3.33
CA VAL B 7 -15.88 -6.75 4.61
C VAL B 7 -16.19 -8.24 4.74
N THR B 8 -15.78 -8.84 5.86
CA THR B 8 -15.94 -10.28 6.10
C THR B 8 -16.59 -10.46 7.48
N ASP B 9 -16.40 -11.62 8.14
CA ASP B 9 -16.97 -11.86 9.49
C ASP B 9 -16.44 -10.86 10.50
N THR B 10 -15.12 -10.77 10.57
CA THR B 10 -14.41 -10.09 11.64
C THR B 10 -13.55 -8.91 11.18
N THR B 11 -13.49 -8.64 9.87
CA THR B 11 -12.49 -7.72 9.31
C THR B 11 -13.07 -6.83 8.22
N ALA B 12 -12.30 -5.80 7.84
CA ALA B 12 -12.72 -4.83 6.81
C ALA B 12 -11.58 -3.89 6.44
N LEU B 13 -11.45 -3.60 5.15
CA LEU B 13 -10.40 -2.70 4.67
C LEU B 13 -11.00 -1.30 4.48
N ILE B 14 -10.50 -0.33 5.25
CA ILE B 14 -10.86 1.06 5.06
C ILE B 14 -9.79 1.69 4.17
N THR B 15 -10.23 2.44 3.16
CA THR B 15 -9.34 3.26 2.33
C THR B 15 -9.92 4.66 2.21
N TRP B 16 -9.07 5.63 1.89
CA TRP B 16 -9.48 6.99 1.56
C TRP B 16 -8.55 7.61 0.53
N SER B 17 -8.69 8.92 0.24
CA SER B 17 -7.81 9.62 -0.72
C SER B 17 -7.35 10.99 -0.21
N ASP B 18 -6.35 11.57 -0.91
CA ASP B 18 -5.69 12.82 -0.49
C ASP B 18 -6.30 14.09 -1.10
N ASP B 19 -7.62 14.16 -1.14
CA ASP B 19 -8.34 15.24 -1.81
C ASP B 19 -8.78 16.36 -0.88
N PHE B 20 -8.74 16.15 0.44
CA PHE B 20 -9.39 17.08 1.39
C PHE B 20 -8.64 18.39 1.50
N GLY B 21 -7.31 18.29 1.61
CA GLY B 21 -6.45 19.49 1.74
C GLY B 21 -5.03 19.11 2.13
N GLU B 22 -4.31 20.03 2.75
CA GLU B 22 -2.92 19.78 3.18
C GLU B 22 -2.84 19.27 4.65
N TYR B 23 -3.68 18.29 4.99
CA TYR B 23 -3.73 17.76 6.36
C TYR B 23 -2.56 16.81 6.63
N VAL B 24 -2.35 16.52 7.91
CA VAL B 24 -1.20 15.73 8.36
C VAL B 24 -1.66 14.52 9.15
N TRP B 25 -2.27 14.74 10.32
CA TRP B 25 -2.70 13.66 11.21
C TRP B 25 -4.22 13.51 11.23
N CYS B 26 -4.69 12.26 11.20
CA CYS B 26 -6.12 11.91 11.18
C CYS B 26 -6.47 10.89 12.26
N GLU B 27 -7.76 10.81 12.57
CA GLU B 27 -8.30 9.85 13.53
C GLU B 27 -9.34 8.96 12.85
N LEU B 28 -8.98 7.70 12.59
CA LEU B 28 -9.94 6.71 12.16
C LEU B 28 -10.65 6.20 13.41
N THR B 29 -11.94 6.50 13.52
CA THR B 29 -12.73 6.08 14.66
C THR B 29 -13.85 5.19 14.17
N TYR B 30 -14.03 4.05 14.83
CA TYR B 30 -15.14 3.14 14.54
C TYR B 30 -15.74 2.50 15.78
N GLY B 31 -16.87 1.83 15.60
CA GLY B 31 -17.53 1.09 16.67
C GLY B 31 -18.88 0.65 16.18
N ILE B 32 -19.63 -0.05 17.04
CA ILE B 32 -20.96 -0.56 16.67
C ILE B 32 -21.91 0.63 16.53
N LYS B 33 -22.63 0.67 15.41
CA LYS B 33 -23.62 1.71 15.16
C LYS B 33 -24.84 1.43 16.01
N ASP B 34 -25.27 2.44 16.76
CA ASP B 34 -26.48 2.39 17.61
C ASP B 34 -26.42 1.33 18.73
N VAL B 35 -25.23 1.11 19.28
CA VAL B 35 -25.05 0.45 20.58
C VAL B 35 -24.13 1.43 21.35
N PRO B 36 -24.74 2.51 21.89
CA PRO B 36 -23.96 3.69 22.28
C PRO B 36 -22.87 3.40 23.32
N GLY B 37 -21.62 3.74 22.99
CA GLY B 37 -20.51 3.67 23.91
C GLY B 37 -19.18 3.32 23.26
N ASP B 38 -18.88 2.03 23.20
CA ASP B 38 -17.50 1.55 22.95
C ASP B 38 -16.98 1.85 21.54
N ARG B 39 -15.99 2.74 21.45
CA ARG B 39 -15.42 3.20 20.17
C ARG B 39 -13.90 3.10 20.13
N THR B 40 -13.38 2.53 19.05
CA THR B 40 -11.95 2.40 18.83
C THR B 40 -11.48 3.56 17.95
N THR B 41 -10.35 4.18 18.33
CA THR B 41 -9.79 5.35 17.63
C THR B 41 -8.33 5.11 17.29
N ILE B 42 -7.94 5.50 16.08
CA ILE B 42 -6.66 5.09 15.48
C ILE B 42 -5.99 6.28 14.78
N ASP B 43 -4.81 6.67 15.29
CA ASP B 43 -4.05 7.76 14.71
C ASP B 43 -3.30 7.30 13.46
N LEU B 44 -3.51 8.02 12.36
CA LEU B 44 -2.97 7.68 11.05
C LEU B 44 -2.46 8.91 10.32
N TRP B 45 -1.37 8.74 9.57
CA TRP B 45 -0.90 9.78 8.65
C TRP B 45 -1.92 9.94 7.53
N TYR B 46 -2.24 11.20 7.22
CA TYR B 46 -3.24 11.55 6.21
C TYR B 46 -2.98 10.88 4.88
N HIS B 47 -1.71 10.87 4.47
CA HIS B 47 -1.29 10.28 3.18
C HIS B 47 -1.02 8.77 3.23
N HIS B 48 -1.39 8.11 4.33
CA HIS B 48 -1.25 6.66 4.45
C HIS B 48 -2.32 5.95 3.64
N ALA B 49 -3.54 6.50 3.69
CA ALA B 49 -4.67 6.11 2.82
C ALA B 49 -5.33 4.74 3.09
N HIS B 50 -4.92 4.01 4.14
CA HIS B 50 -5.50 2.71 4.40
C HIS B 50 -5.38 2.22 5.85
N TYR B 51 -6.41 1.54 6.31
CA TYR B 51 -6.35 0.77 7.55
C TYR B 51 -7.24 -0.45 7.43
N SER B 52 -6.74 -1.57 7.93
CA SER B 52 -7.44 -2.84 7.90
C SER B 52 -7.90 -3.08 9.33
N ILE B 53 -9.21 -3.19 9.53
CA ILE B 53 -9.76 -3.41 10.87
C ILE B 53 -9.92 -4.91 11.07
N GLY B 54 -9.73 -5.37 12.31
CA GLY B 54 -9.94 -6.76 12.71
C GLY B 54 -10.70 -6.86 14.02
N ASN B 55 -10.87 -8.09 14.50
CA ASN B 55 -11.60 -8.38 15.75
C ASN B 55 -12.97 -7.69 15.84
N LEU B 56 -13.70 -7.69 14.74
CA LEU B 56 -15.07 -7.17 14.70
C LEU B 56 -16.06 -8.30 15.01
N LYS B 57 -17.22 -7.96 15.57
CA LYS B 57 -18.27 -8.94 15.81
C LYS B 57 -18.98 -9.25 14.47
N PRO B 58 -19.31 -10.54 14.22
CA PRO B 58 -20.11 -10.85 13.01
C PRO B 58 -21.57 -10.37 13.06
N ASP B 59 -22.16 -10.23 11.88
CA ASP B 59 -23.57 -9.88 11.68
C ASP B 59 -23.98 -8.54 12.33
N THR B 60 -23.03 -7.60 12.35
CA THR B 60 -23.14 -6.38 13.13
C THR B 60 -22.94 -5.17 12.22
N GLU B 61 -23.80 -4.16 12.35
CA GLU B 61 -23.69 -2.92 11.57
C GLU B 61 -22.79 -1.93 12.30
N TYR B 62 -21.62 -1.68 11.71
CA TYR B 62 -20.59 -0.80 12.27
C TYR B 62 -20.67 0.60 11.65
N GLU B 63 -19.90 1.52 12.21
CA GLU B 63 -19.88 2.91 11.76
C GLU B 63 -18.45 3.43 11.83
N VAL B 64 -17.94 3.96 10.71
CA VAL B 64 -16.57 4.48 10.59
C VAL B 64 -16.60 6.00 10.49
N SER B 65 -15.58 6.65 11.03
CA SER B 65 -15.49 8.12 11.05
C SER B 65 -14.06 8.50 10.71
N LEU B 66 -13.87 9.61 10.01
CA LEU B 66 -12.52 10.09 9.66
C LEU B 66 -12.43 11.62 9.65
N ILE B 67 -11.92 12.19 10.74
CA ILE B 67 -11.62 13.63 10.84
C ILE B 67 -10.11 13.77 10.75
N CYS B 68 -9.64 14.81 10.04
CA CYS B 68 -8.22 15.07 9.82
C CYS B 68 -7.82 16.46 10.29
N ARG B 69 -6.56 16.62 10.71
CA ARG B 69 -6.08 17.81 11.41
C ARG B 69 -4.82 18.41 10.76
N ARG B 70 -4.80 19.75 10.69
CA ARG B 70 -3.60 20.51 10.33
C ARG B 70 -3.43 21.58 11.40
N GLY B 71 -2.57 21.31 12.39
CA GLY B 71 -2.42 22.17 13.55
C GLY B 71 -3.67 22.15 14.41
N ASP B 72 -4.28 23.33 14.60
CA ASP B 72 -5.57 23.47 15.32
C ASP B 72 -6.79 23.33 14.39
N MET B 73 -6.60 23.62 13.10
CA MET B 73 -7.66 23.46 12.10
C MET B 73 -7.96 21.98 11.87
N SER B 74 -9.25 21.67 11.67
CA SER B 74 -9.73 20.28 11.49
C SER B 74 -10.70 20.13 10.32
N SER B 75 -10.73 18.92 9.75
CA SER B 75 -11.45 18.65 8.50
C SER B 75 -12.91 18.28 8.72
N ASN B 76 -13.62 18.17 7.61
CA ASN B 76 -15.04 17.84 7.61
C ASN B 76 -15.22 16.35 7.97
N PRO B 77 -15.84 16.04 9.13
CA PRO B 77 -15.91 14.63 9.54
C PRO B 77 -16.59 13.76 8.48
N ALA B 78 -15.79 12.92 7.83
CA ALA B 78 -16.24 12.06 6.72
C ALA B 78 -16.62 10.66 7.20
N LYS B 79 -17.90 10.34 7.13
CA LYS B 79 -18.46 9.13 7.75
C LYS B 79 -18.70 8.03 6.71
N GLU B 80 -18.81 6.80 7.20
CA GLU B 80 -19.25 5.67 6.37
C GLU B 80 -19.78 4.55 7.25
N THR B 81 -20.69 3.75 6.69
CA THR B 81 -21.40 2.69 7.41
C THR B 81 -21.09 1.37 6.72
N PHE B 82 -20.99 0.30 7.50
CA PHE B 82 -20.83 -1.04 6.93
C PHE B 82 -21.33 -2.11 7.90
N THR B 83 -21.70 -3.26 7.36
CA THR B 83 -22.24 -4.36 8.14
C THR B 83 -21.41 -5.60 7.87
N THR B 84 -20.83 -6.18 8.92
CA THR B 84 -20.06 -7.41 8.79
C THR B 84 -20.97 -8.56 8.38
N GLY B 85 -20.37 -9.63 7.87
CA GLY B 85 -21.09 -10.84 7.49
C GLY B 85 -21.19 -11.80 8.65
N LEU B 86 -21.47 -13.06 8.33
CA LEU B 86 -21.58 -14.12 9.34
C LEU B 86 -21.15 -15.46 8.77
N VAL B 87 -20.78 -16.38 9.66
CA VAL B 87 -20.57 -17.79 9.29
C VAL B 87 -20.76 -18.71 10.50
C1 NAG C . 10.67 -11.05 -0.85
C2 NAG C . 10.95 -11.40 0.60
C3 NAG C . 12.09 -12.39 0.78
C4 NAG C . 12.09 -13.51 -0.25
C5 NAG C . 11.85 -12.96 -1.66
C6 NAG C . 11.78 -14.06 -2.71
C7 NAG C . 10.57 -9.61 2.23
C8 NAG C . 11.16 -8.34 2.78
N2 NAG C . 11.30 -10.18 1.29
O3 NAG C . 11.99 -12.96 2.09
O4 NAG C . 13.37 -14.17 -0.22
O5 NAG C . 10.62 -12.23 -1.64
O6 NAG C . 10.65 -14.91 -2.48
O7 NAG C . 9.50 -10.06 2.65
C1 NAG C . 13.29 -15.52 0.25
C2 NAG C . 14.57 -16.25 -0.13
C3 NAG C . 14.49 -17.70 0.34
C4 NAG C . 14.21 -17.74 1.83
C5 NAG C . 12.95 -16.93 2.16
C6 NAG C . 12.65 -16.90 3.66
C7 NAG C . 15.80 -15.61 -2.16
C8 NAG C . 15.84 -15.72 -3.65
N2 NAG C . 14.78 -16.24 -1.57
O3 NAG C . 15.71 -18.37 0.04
O4 NAG C . 14.02 -19.10 2.25
O5 NAG C . 13.08 -15.59 1.66
O6 NAG C . 13.79 -16.52 4.43
O7 NAG C . 16.66 -14.98 -1.55
C1 BMA C . 15.19 -19.68 2.86
C2 BMA C . 14.77 -20.64 3.95
C3 BMA C . 16.01 -21.19 4.65
C4 BMA C . 17.07 -21.70 3.67
C5 BMA C . 17.28 -20.75 2.48
C6 BMA C . 18.16 -21.37 1.40
O2 BMA C . 13.98 -21.69 3.39
O3 BMA C . 15.61 -22.25 5.54
O4 BMA C . 18.32 -21.85 4.35
O5 BMA C . 16.02 -20.37 1.92
O6 BMA C . 17.47 -22.41 0.71
#